data_7P1C
#
_entry.id   7P1C
#
_cell.length_a   81.560
_cell.length_b   80.372
_cell.length_c   89.247
_cell.angle_alpha   90.000
_cell.angle_beta   107.940
_cell.angle_gamma   90.000
#
_symmetry.space_group_name_H-M   'I 1 2 1'
#
loop_
_entity.id
_entity.type
_entity.pdbx_description
1 polymer 'Outer membrane protein assembly factor BamA'
2 polymer TRP-ASN-UX8-THR-LYS-ARG-PHE
3 non-polymer (HYDROXYETHYLOXY)TRI(ETHYLOXY)OCTANE
4 water water
#
loop_
_entity_poly.entity_id
_entity_poly.type
_entity_poly.pdbx_seq_one_letter_code
_entity_poly.pdbx_strand_id
1 'polypeptide(L)'
;HMRNTGSFNFGIGYGTESGVSFQAGVQQDNWLGTGYAVGINGTKNDYQTYAELSVTNPYFTVDGVSLGGRLFYNDFQADD
ADLSDYTNKSYGTDVTLGFPINEYNSLRAGLGYVHNSLSNMQPQVAMWRYLYSMGEHPSTSDQDNSFKTDDFTFNYGWTY
NKLDRGYFPTDGSRVNLTGKVTIPGSDNEYYKVTLDTATYVPIDDDHKWVVLGRTRWGYGDGLGGKEMPFYENFYAGGSS
TVRGFQSNTIGPKAVYFPHQASNYDPDYDYESATQDGAKDLSKSDDAVGGNAMAVASLEFITPTPFISDKYANSVRTSFF
WDMGTVWDTNWDSSQYSGYPDYSDPSNIRMSAGIALQWMSPLGPLVFSYAQPFKKYDGDKAEQFQFNIGKTW
;
A
2 'polypeptide(L)' WN(UX8)TKRF B
#
loop_
_chem_comp.id
_chem_comp.type
_chem_comp.name
_chem_comp.formula
C8E non-polymer (HYDROXYETHYLOXY)TRI(ETHYLOXY)OCTANE 'C16 H34 O5'
#
# COMPACT_ATOMS: atom_id res chain seq x y z
N GLY A 6 -27.27 12.18 4.64
CA GLY A 6 -26.52 11.16 3.94
C GLY A 6 -25.93 11.64 2.63
N SER A 7 -25.29 10.73 1.89
CA SER A 7 -24.68 11.07 0.61
C SER A 7 -24.29 9.79 -0.11
N PHE A 8 -23.94 9.94 -1.40
CA PHE A 8 -23.43 8.84 -2.20
C PHE A 8 -22.47 9.41 -3.25
N ASN A 9 -21.63 8.52 -3.81
CA ASN A 9 -20.54 8.99 -4.66
C ASN A 9 -20.07 7.92 -5.65
N PHE A 10 -19.61 8.40 -6.82
CA PHE A 10 -19.04 7.59 -7.89
CA PHE A 10 -19.04 7.54 -7.82
C PHE A 10 -17.59 7.98 -8.10
N GLY A 11 -16.79 7.05 -8.60
CA GLY A 11 -15.41 7.36 -8.89
C GLY A 11 -14.86 6.56 -10.05
N ILE A 12 -14.27 7.26 -11.01
CA ILE A 12 -13.50 6.64 -12.08
C ILE A 12 -12.07 7.13 -11.95
N GLY A 13 -11.12 6.20 -12.07
CA GLY A 13 -9.73 6.56 -12.08
C GLY A 13 -8.97 5.74 -13.09
N TYR A 14 -7.72 6.12 -13.30
CA TYR A 14 -6.80 5.33 -14.08
C TYR A 14 -5.41 5.46 -13.48
N GLY A 15 -4.68 4.36 -13.48
CA GLY A 15 -3.29 4.37 -13.08
C GLY A 15 -2.50 3.39 -13.90
N THR A 16 -1.22 3.69 -14.09
CA THR A 16 -0.35 2.79 -14.84
C THR A 16 -0.32 1.40 -14.22
N GLU A 17 -0.34 1.34 -12.88
CA GLU A 17 -0.32 0.07 -12.18
C GLU A 17 -1.71 -0.50 -11.91
N SER A 18 -2.74 0.35 -11.87
CA SER A 18 -4.08 -0.07 -11.51
C SER A 18 -5.02 -0.23 -12.70
N GLY A 19 -4.69 0.36 -13.84
CA GLY A 19 -5.63 0.37 -14.94
C GLY A 19 -6.83 1.24 -14.61
N VAL A 20 -7.88 1.07 -15.42
CA VAL A 20 -9.13 1.76 -15.14
C VAL A 20 -9.70 1.25 -13.82
N SER A 21 -10.04 2.17 -12.94
CA SER A 21 -10.58 1.83 -11.63
C SER A 21 -11.94 2.49 -11.43
N PHE A 22 -12.74 1.90 -10.56
CA PHE A 22 -14.08 2.38 -10.26
C PHE A 22 -14.29 2.37 -8.75
N GLN A 23 -15.15 3.26 -8.28
CA GLN A 23 -15.48 3.37 -6.86
C GLN A 23 -16.91 3.87 -6.71
N ALA A 24 -17.58 3.39 -5.66
CA ALA A 24 -18.86 3.97 -5.27
C ALA A 24 -19.10 3.70 -3.80
N GLY A 25 -20.04 4.46 -3.25
CA GLY A 25 -20.41 4.32 -1.85
C GLY A 25 -21.68 5.08 -1.55
N VAL A 26 -22.23 4.78 -0.38
CA VAL A 26 -23.45 5.43 0.11
C VAL A 26 -23.42 5.41 1.63
N GLN A 27 -23.73 6.54 2.24
CA GLN A 27 -23.63 6.68 3.69
C GLN A 27 -24.86 7.40 4.24
N GLN A 28 -25.40 6.86 5.32
CA GLN A 28 -26.45 7.52 6.09
C GLN A 28 -25.80 8.23 7.27
N ASP A 29 -25.93 9.56 7.32
CA ASP A 29 -25.19 10.33 8.32
C ASP A 29 -25.55 9.90 9.73
N ASN A 30 -26.83 9.66 9.99
CA ASN A 30 -27.28 9.08 11.25
C ASN A 30 -28.29 7.98 10.93
N TRP A 31 -28.06 6.78 11.47
CA TRP A 31 -28.88 5.62 11.15
C TRP A 31 -30.00 5.50 12.18
N LEU A 32 -31.18 6.01 11.83
CA LEU A 32 -32.38 5.83 12.63
C LEU A 32 -32.16 6.29 14.07
N GLY A 33 -31.36 7.34 14.25
CA GLY A 33 -31.12 7.89 15.56
C GLY A 33 -30.20 7.07 16.44
N THR A 34 -29.56 6.03 15.90
CA THR A 34 -28.61 5.25 16.69
C THR A 34 -27.43 6.10 17.13
N GLY A 35 -27.06 7.10 16.34
CA GLY A 35 -25.83 7.84 16.54
C GLY A 35 -24.64 7.28 15.80
N TYR A 36 -24.81 6.21 15.04
CA TYR A 36 -23.75 5.60 14.26
C TYR A 36 -24.07 5.75 12.78
N ALA A 37 -23.13 6.32 12.03
CA ALA A 37 -23.30 6.42 10.59
C ALA A 37 -23.06 5.07 9.93
N VAL A 38 -23.92 4.74 8.97
CA VAL A 38 -23.80 3.51 8.20
C VAL A 38 -23.28 3.84 6.81
N GLY A 39 -22.51 2.92 6.25
CA GLY A 39 -21.91 3.14 4.95
C GLY A 39 -21.64 1.84 4.22
N ILE A 40 -21.77 1.90 2.90
CA ILE A 40 -21.40 0.80 2.01
C ILE A 40 -20.49 1.38 0.94
N ASN A 41 -19.32 0.78 0.75
CA ASN A 41 -18.32 1.32 -0.17
C ASN A 41 -17.66 0.17 -0.91
N GLY A 42 -17.41 0.38 -2.21
CA GLY A 42 -16.77 -0.63 -3.03
C GLY A 42 -15.87 0.00 -4.07
N THR A 43 -14.82 -0.74 -4.43
CA THR A 43 -13.89 -0.29 -5.45
C THR A 43 -13.40 -1.49 -6.24
N LYS A 44 -12.90 -1.22 -7.44
CA LYS A 44 -12.39 -2.27 -8.32
C LYS A 44 -11.36 -1.68 -9.26
N ASN A 45 -10.25 -2.41 -9.44
CA ASN A 45 -9.24 -2.06 -10.42
C ASN A 45 -8.71 -3.36 -11.03
N ASP A 46 -7.59 -3.25 -11.77
CA ASP A 46 -7.12 -4.38 -12.55
C ASP A 46 -6.81 -5.60 -11.68
N TYR A 47 -6.46 -5.40 -10.41
CA TYR A 47 -6.00 -6.49 -9.57
C TYR A 47 -6.80 -6.70 -8.30
N GLN A 48 -7.73 -5.82 -7.96
CA GLN A 48 -8.42 -5.87 -6.68
C GLN A 48 -9.89 -5.56 -6.84
N THR A 49 -10.73 -6.33 -6.15
CA THR A 49 -12.13 -5.99 -5.93
C THR A 49 -12.39 -5.96 -4.44
N TYR A 50 -12.93 -4.85 -3.94
CA TYR A 50 -13.09 -4.65 -2.51
C TYR A 50 -14.46 -4.03 -2.21
N ALA A 51 -15.06 -4.47 -1.12
CA ALA A 51 -16.33 -3.94 -0.65
C ALA A 51 -16.35 -4.00 0.87
N GLU A 52 -17.02 -3.02 1.48
CA GLU A 52 -17.08 -2.99 2.94
C GLU A 52 -18.39 -2.37 3.41
N LEU A 53 -18.77 -2.72 4.63
CA LEU A 53 -19.87 -2.08 5.36
C LEU A 53 -19.27 -1.35 6.55
N SER A 54 -19.53 -0.04 6.62
CA SER A 54 -18.96 0.81 7.66
C SER A 54 -20.01 1.17 8.70
N VAL A 55 -19.60 1.19 9.96
CA VAL A 55 -20.47 1.54 11.08
C VAL A 55 -19.64 2.26 12.14
N THR A 56 -19.72 3.58 12.19
CA THR A 56 -18.85 4.37 13.05
C THR A 56 -19.65 5.43 13.80
N ASN A 57 -19.17 5.76 15.00
CA ASN A 57 -19.70 6.87 15.79
C ASN A 57 -18.51 7.67 16.29
N PRO A 58 -18.45 8.98 16.02
CA PRO A 58 -17.27 9.76 16.46
C PRO A 58 -17.26 10.12 17.94
N TYR A 59 -18.39 10.03 18.64
CA TYR A 59 -18.47 10.39 20.06
C TYR A 59 -18.95 9.18 20.85
N PHE A 60 -18.09 8.17 20.98
CA PHE A 60 -18.40 7.02 21.82
C PHE A 60 -18.35 7.38 23.29
N THR A 61 -17.43 8.28 23.66
CA THR A 61 -17.40 8.88 24.98
C THR A 61 -17.72 10.37 24.86
N VAL A 62 -17.85 11.03 26.01
CA VAL A 62 -18.15 12.45 26.00
C VAL A 62 -17.02 13.23 25.34
N ASP A 63 -15.78 12.85 25.61
CA ASP A 63 -14.63 13.65 25.20
C ASP A 63 -13.91 13.05 23.99
N GLY A 64 -14.67 12.72 22.93
CA GLY A 64 -14.13 12.61 21.60
C GLY A 64 -13.84 11.21 21.11
N VAL A 65 -13.62 10.25 22.00
CA VAL A 65 -13.18 8.92 21.58
C VAL A 65 -14.23 8.31 20.64
N SER A 66 -13.78 7.77 19.52
CA SER A 66 -14.65 7.23 18.49
C SER A 66 -14.60 5.71 18.48
N LEU A 67 -15.66 5.11 17.95
CA LEU A 67 -15.80 3.66 17.83
C LEU A 67 -16.19 3.32 16.41
N GLY A 68 -15.43 2.43 15.78
CA GLY A 68 -15.63 2.12 14.38
C GLY A 68 -15.73 0.64 14.13
N GLY A 69 -16.62 0.26 13.22
CA GLY A 69 -16.78 -1.12 12.80
C GLY A 69 -16.59 -1.26 11.30
N ARG A 70 -16.13 -2.44 10.89
CA ARG A 70 -15.85 -2.70 9.49
C ARG A 70 -16.16 -4.15 9.17
N LEU A 71 -16.66 -4.38 7.96
CA LEU A 71 -16.99 -5.71 7.46
C LEU A 71 -16.72 -5.74 5.97
N PHE A 72 -15.74 -6.54 5.55
CA PHE A 72 -15.17 -6.39 4.22
C PHE A 72 -15.06 -7.72 3.49
N TYR A 73 -14.99 -7.62 2.16
CA TYR A 73 -14.63 -8.72 1.26
C TYR A 73 -13.59 -8.21 0.28
N ASN A 74 -12.59 -9.04 -0.01
CA ASN A 74 -11.50 -8.60 -0.88
C ASN A 74 -11.04 -9.75 -1.77
N ASP A 75 -10.88 -9.46 -3.06
CA ASP A 75 -10.38 -10.40 -4.04
C ASP A 75 -9.13 -9.79 -4.68
N PHE A 76 -8.05 -10.56 -4.72
CA PHE A 76 -6.75 -10.06 -5.15
C PHE A 76 -6.13 -11.01 -6.16
N GLN A 77 -5.77 -10.49 -7.33
CA GLN A 77 -5.05 -11.23 -8.36
C GLN A 77 -3.60 -10.74 -8.36
N ALA A 78 -2.68 -11.60 -7.93
CA ALA A 78 -1.29 -11.19 -7.78
C ALA A 78 -0.66 -10.88 -9.13
N ASP A 79 -0.87 -11.74 -10.14
CA ASP A 79 -0.27 -11.51 -11.44
C ASP A 79 -0.72 -10.17 -12.02
N ASP A 80 -1.97 -9.79 -11.78
CA ASP A 80 -2.44 -8.49 -12.26
C ASP A 80 -1.75 -7.34 -11.55
N ALA A 81 -1.22 -7.57 -10.35
CA ALA A 81 -0.42 -6.60 -9.64
C ALA A 81 1.08 -6.80 -9.87
N ASP A 82 1.46 -7.36 -11.01
CA ASP A 82 2.86 -7.60 -11.38
C ASP A 82 3.63 -8.30 -10.26
N LEU A 83 3.01 -9.34 -9.69
CA LEU A 83 3.67 -10.25 -8.78
C LEU A 83 3.58 -11.66 -9.36
N SER A 84 4.35 -12.58 -8.78
CA SER A 84 4.19 -13.98 -9.13
C SER A 84 2.76 -14.41 -8.80
N ASP A 85 2.23 -15.32 -9.61
CA ASP A 85 0.80 -15.58 -9.59
C ASP A 85 0.35 -16.20 -8.28
N TYR A 86 -0.74 -15.68 -7.73
CA TYR A 86 -1.46 -16.27 -6.62
C TYR A 86 -2.75 -15.50 -6.45
N THR A 87 -3.77 -16.16 -5.91
CA THR A 87 -5.08 -15.58 -5.72
C THR A 87 -5.43 -15.62 -4.24
N ASN A 88 -5.87 -14.49 -3.70
CA ASN A 88 -6.26 -14.39 -2.30
C ASN A 88 -7.66 -13.81 -2.21
N LYS A 89 -8.61 -14.64 -1.79
CA LYS A 89 -9.97 -14.20 -1.51
C LYS A 89 -10.14 -14.17 0.00
N SER A 90 -10.53 -13.02 0.54
CA SER A 90 -10.57 -12.84 1.98
C SER A 90 -11.80 -12.06 2.40
N TYR A 91 -12.15 -12.19 3.68
CA TYR A 91 -13.20 -11.41 4.31
C TYR A 91 -12.90 -11.34 5.80
N GLY A 92 -13.47 -10.33 6.46
CA GLY A 92 -13.23 -10.17 7.88
C GLY A 92 -13.97 -8.98 8.45
N THR A 93 -13.65 -8.68 9.72
CA THR A 93 -14.25 -7.58 10.44
C THR A 93 -13.20 -6.89 11.30
N ASP A 94 -13.40 -5.60 11.55
CA ASP A 94 -12.53 -4.82 12.41
C ASP A 94 -13.35 -3.97 13.36
N VAL A 95 -12.91 -3.91 14.62
CA VAL A 95 -13.45 -2.98 15.61
C VAL A 95 -12.30 -2.09 16.05
N THR A 96 -12.45 -0.78 15.87
CA THR A 96 -11.37 0.17 16.09
C THR A 96 -11.84 1.32 16.97
N LEU A 97 -11.03 1.63 17.99
CA LEU A 97 -11.24 2.81 18.83
C LEU A 97 -10.29 3.91 18.38
N GLY A 98 -10.78 5.15 18.36
CA GLY A 98 -9.97 6.28 17.99
C GLY A 98 -9.82 7.31 19.09
N PHE A 99 -8.59 7.61 19.49
CA PHE A 99 -8.33 8.58 20.55
C PHE A 99 -7.59 9.78 19.98
N PRO A 100 -8.20 10.96 19.89
CA PRO A 100 -7.41 12.16 19.58
C PRO A 100 -6.59 12.62 20.78
N ILE A 101 -5.27 12.51 20.68
CA ILE A 101 -4.41 12.88 21.80
C ILE A 101 -4.35 14.40 21.93
N ASN A 102 -4.29 15.10 20.81
CA ASN A 102 -4.26 16.56 20.83
C ASN A 102 -4.64 17.07 19.45
N GLU A 103 -4.10 18.23 19.05
CA GLU A 103 -4.48 18.81 17.78
C GLU A 103 -3.78 18.13 16.61
N TYR A 104 -2.57 17.58 16.84
CA TYR A 104 -1.77 17.04 15.76
C TYR A 104 -1.59 15.53 15.83
N ASN A 105 -2.09 14.88 16.89
CA ASN A 105 -1.87 13.46 17.10
C ASN A 105 -3.18 12.76 17.35
N SER A 106 -3.31 11.55 16.81
CA SER A 106 -4.44 10.67 17.10
C SER A 106 -3.94 9.24 17.16
N LEU A 107 -4.43 8.50 18.15
CA LEU A 107 -4.11 7.09 18.31
C LEU A 107 -5.35 6.25 18.01
N ARG A 108 -5.13 4.99 17.66
CA ARG A 108 -6.24 4.07 17.47
C ARG A 108 -5.80 2.65 17.81
N ALA A 109 -6.71 1.92 18.47
CA ALA A 109 -6.51 0.54 18.86
C ALA A 109 -7.70 -0.27 18.38
N GLY A 110 -7.45 -1.49 17.93
CA GLY A 110 -8.52 -2.27 17.34
C GLY A 110 -8.26 -3.76 17.38
N LEU A 111 -9.36 -4.51 17.27
CA LEU A 111 -9.33 -5.97 17.20
C LEU A 111 -9.92 -6.40 15.86
N GLY A 112 -9.26 -7.35 15.20
CA GLY A 112 -9.63 -7.72 13.86
C GLY A 112 -9.70 -9.22 13.65
N TYR A 113 -10.58 -9.63 12.76
CA TYR A 113 -10.68 -11.00 12.28
C TYR A 113 -10.59 -10.99 10.75
N VAL A 114 -9.80 -11.90 10.20
CA VAL A 114 -9.68 -12.05 8.75
C VAL A 114 -9.56 -13.52 8.40
N HIS A 115 -10.27 -13.92 7.34
CA HIS A 115 -10.14 -15.24 6.74
C HIS A 115 -9.49 -15.06 5.37
N ASN A 116 -8.36 -15.76 5.16
CA ASN A 116 -7.65 -15.72 3.89
C ASN A 116 -7.79 -17.07 3.21
N SER A 117 -8.15 -17.05 1.92
CA SER A 117 -8.28 -18.27 1.11
C SER A 117 -7.34 -18.14 -0.08
N LEU A 118 -6.23 -18.86 -0.04
CA LEU A 118 -5.21 -18.79 -1.08
C LEU A 118 -5.42 -19.91 -2.09
N SER A 119 -5.26 -19.57 -3.36
CA SER A 119 -5.48 -20.52 -4.45
C SER A 119 -4.65 -20.08 -5.65
N ASN A 120 -4.51 -21.00 -6.61
CA ASN A 120 -3.88 -20.66 -7.89
C ASN A 120 -2.43 -20.22 -7.71
N MET A 121 -1.75 -20.80 -6.72
CA MET A 121 -0.39 -20.38 -6.39
C MET A 121 0.62 -21.06 -7.32
N GLN A 122 1.44 -20.24 -7.96
CA GLN A 122 2.51 -20.74 -8.83
C GLN A 122 3.72 -21.15 -7.99
N PRO A 123 4.08 -22.42 -7.95
CA PRO A 123 5.17 -22.85 -7.05
C PRO A 123 6.45 -22.04 -7.21
N GLN A 124 6.97 -21.55 -6.08
CA GLN A 124 8.21 -20.81 -6.02
C GLN A 124 8.83 -21.00 -4.65
N VAL A 125 10.10 -20.64 -4.50
CA VAL A 125 10.85 -20.98 -3.30
C VAL A 125 10.28 -20.25 -2.09
N ALA A 126 10.34 -18.92 -2.11
CA ALA A 126 9.95 -18.15 -0.92
C ALA A 126 8.52 -18.46 -0.51
N MET A 127 7.60 -18.48 -1.46
CA MET A 127 6.21 -18.81 -1.14
C MET A 127 6.11 -20.17 -0.49
N TRP A 128 6.67 -21.20 -1.14
CA TRP A 128 6.60 -22.54 -0.57
C TRP A 128 7.31 -22.62 0.77
N ARG A 129 8.40 -21.87 0.94
CA ARG A 129 9.08 -21.86 2.23
C ARG A 129 8.12 -21.45 3.34
N TYR A 130 7.35 -20.39 3.12
CA TYR A 130 6.31 -20.01 4.08
C TYR A 130 5.33 -21.15 4.28
N LEU A 131 4.84 -21.74 3.19
CA LEU A 131 3.89 -22.84 3.30
C LEU A 131 4.47 -23.98 4.13
N TYR A 132 5.76 -24.28 3.94
CA TYR A 132 6.39 -25.31 4.75
C TYR A 132 6.39 -24.92 6.23
N SER A 133 6.61 -23.63 6.52
CA SER A 133 6.63 -23.19 7.91
C SER A 133 5.27 -23.34 8.58
N MET A 134 4.19 -23.43 7.81
CA MET A 134 2.85 -23.60 8.34
C MET A 134 2.43 -25.07 8.44
N GLY A 135 3.19 -25.97 7.84
CA GLY A 135 2.80 -27.36 7.76
C GLY A 135 2.09 -27.75 6.48
N GLU A 136 2.12 -26.90 5.47
CA GLU A 136 1.49 -27.17 4.18
C GLU A 136 2.56 -27.53 3.17
N HIS A 137 2.34 -28.62 2.43
CA HIS A 137 3.34 -29.15 1.50
C HIS A 137 2.64 -29.56 0.22
N PRO A 138 2.19 -28.59 -0.57
CA PRO A 138 1.51 -28.90 -1.83
C PRO A 138 2.49 -29.27 -2.93
N SER A 139 1.93 -29.81 -4.01
CA SER A 139 2.72 -30.15 -5.19
C SER A 139 3.52 -28.95 -5.66
N THR A 140 4.73 -29.23 -6.17
CA THR A 140 5.60 -28.20 -6.72
C THR A 140 5.51 -28.11 -8.24
N SER A 141 4.61 -28.88 -8.86
CA SER A 141 4.45 -28.89 -10.30
C SER A 141 3.04 -28.50 -10.74
N ASP A 142 2.20 -28.06 -9.82
CA ASP A 142 0.78 -27.84 -10.10
C ASP A 142 0.34 -26.48 -9.60
N GLN A 143 -0.57 -25.85 -10.35
CA GLN A 143 -1.12 -24.55 -9.98
C GLN A 143 -2.57 -24.67 -9.50
N ASP A 144 -3.02 -25.87 -9.17
CA ASP A 144 -4.37 -26.10 -8.65
C ASP A 144 -4.28 -26.50 -7.19
N ASN A 145 -3.95 -25.54 -6.35
CA ASN A 145 -3.71 -25.74 -4.93
C ASN A 145 -4.62 -24.85 -4.10
N SER A 146 -4.52 -24.96 -2.78
CA SER A 146 -5.40 -24.22 -1.88
C SER A 146 -4.82 -24.18 -0.48
N PHE A 147 -5.05 -23.05 0.20
CA PHE A 147 -4.59 -22.87 1.57
C PHE A 147 -5.47 -21.83 2.24
N LYS A 148 -5.99 -22.15 3.42
CA LYS A 148 -6.95 -21.32 4.12
C LYS A 148 -6.52 -21.09 5.55
N THR A 149 -6.69 -19.86 6.03
CA THR A 149 -6.31 -19.49 7.39
C THR A 149 -7.37 -18.59 8.01
N ASP A 150 -7.46 -18.64 9.34
CA ASP A 150 -8.33 -17.78 10.12
C ASP A 150 -7.50 -17.09 11.19
N ASP A 151 -7.47 -15.76 11.16
CA ASP A 151 -6.56 -14.99 11.99
C ASP A 151 -7.32 -13.94 12.79
N PHE A 152 -6.82 -13.67 14.00
CA PHE A 152 -7.32 -12.61 14.86
C PHE A 152 -6.15 -11.71 15.23
N THR A 153 -6.37 -10.39 15.13
CA THR A 153 -5.28 -9.44 15.28
C THR A 153 -5.64 -8.34 16.28
N PHE A 154 -4.60 -7.83 16.94
CA PHE A 154 -4.64 -6.54 17.61
C PHE A 154 -3.93 -5.53 16.71
N ASN A 155 -4.56 -4.37 16.51
CA ASN A 155 -4.07 -3.39 15.56
C ASN A 155 -3.88 -2.06 16.25
N TYR A 156 -2.63 -1.58 16.30
CA TYR A 156 -2.29 -0.27 16.83
C TYR A 156 -2.12 0.72 15.69
N GLY A 157 -2.27 2.01 16.02
CA GLY A 157 -2.14 3.06 15.03
C GLY A 157 -1.86 4.43 15.63
N TRP A 158 -0.96 5.18 15.00
CA TRP A 158 -0.64 6.54 15.42
C TRP A 158 -0.49 7.42 14.20
N THR A 159 -1.10 8.60 14.23
CA THR A 159 -1.04 9.56 13.12
C THR A 159 -0.72 10.93 13.65
N TYR A 160 0.42 11.48 13.22
CA TYR A 160 0.74 12.89 13.41
C TYR A 160 0.46 13.62 12.11
N ASN A 161 -0.27 14.74 12.21
CA ASN A 161 -0.55 15.57 11.03
C ASN A 161 -0.54 17.03 11.46
N LYS A 162 0.53 17.74 11.12
CA LYS A 162 0.62 19.19 11.24
C LYS A 162 0.88 19.81 9.87
N LEU A 163 0.21 19.30 8.84
CA LEU A 163 0.34 19.83 7.50
C LEU A 163 -0.43 21.13 7.39
N ASP A 164 0.22 22.16 6.84
CA ASP A 164 -0.43 23.45 6.70
C ASP A 164 -1.67 23.40 5.82
N ARG A 165 -1.81 22.34 5.02
CA ARG A 165 -2.87 22.29 4.02
C ARG A 165 -2.96 20.87 3.49
N GLY A 166 -4.17 20.45 3.15
CA GLY A 166 -4.38 19.11 2.64
C GLY A 166 -4.01 18.97 1.19
N TYR A 167 -4.54 19.87 0.35
CA TYR A 167 -4.18 19.92 -1.06
C TYR A 167 -2.88 20.69 -1.21
N PHE A 168 -1.88 20.05 -1.83
CA PHE A 168 -0.59 20.70 -2.08
C PHE A 168 -0.01 21.30 -0.81
N PRO A 169 0.42 20.48 0.15
CA PRO A 169 1.04 21.05 1.37
C PRO A 169 2.29 21.84 1.03
N THR A 170 2.53 22.88 1.83
CA THR A 170 3.77 23.65 1.73
C THR A 170 4.59 23.67 3.01
N ASP A 171 4.01 23.27 4.15
CA ASP A 171 4.73 23.30 5.42
C ASP A 171 4.14 22.26 6.34
N GLY A 172 5.00 21.65 7.15
CA GLY A 172 4.58 20.68 8.16
C GLY A 172 4.90 19.26 7.75
N SER A 173 4.54 18.34 8.65
CA SER A 173 4.85 16.93 8.48
C SER A 173 3.61 16.08 8.73
N ARG A 174 3.64 14.86 8.16
CA ARG A 174 2.63 13.84 8.45
C ARG A 174 3.34 12.52 8.69
N VAL A 175 2.96 11.83 9.76
CA VAL A 175 3.52 10.54 10.11
C VAL A 175 2.37 9.59 10.40
N ASN A 176 2.45 8.37 9.86
CA ASN A 176 1.46 7.33 10.12
C ASN A 176 2.17 6.04 10.47
N LEU A 177 1.91 5.53 11.67
CA LEU A 177 2.51 4.29 12.15
C LEU A 177 1.38 3.31 12.46
N THR A 178 1.37 2.17 11.75
CA THR A 178 0.41 1.12 11.99
C THR A 178 1.14 -0.17 12.33
N GLY A 179 0.69 -0.84 13.39
CA GLY A 179 1.20 -2.15 13.73
C GLY A 179 0.06 -3.12 13.93
N LYS A 180 0.38 -4.41 13.81
CA LYS A 180 -0.59 -5.44 14.16
C LYS A 180 0.16 -6.71 14.52
N VAL A 181 -0.46 -7.50 15.39
CA VAL A 181 0.10 -8.76 15.87
C VAL A 181 -1.03 -9.77 15.98
N THR A 182 -0.74 -11.02 15.67
CA THR A 182 -1.74 -12.06 15.76
C THR A 182 -2.00 -12.43 17.22
N ILE A 183 -3.28 -12.63 17.54
CA ILE A 183 -3.71 -13.09 18.86
C ILE A 183 -3.57 -14.62 18.88
N PRO A 184 -3.02 -15.20 19.94
CA PRO A 184 -2.96 -16.67 20.00
C PRO A 184 -4.33 -17.29 19.78
N GLY A 185 -4.32 -18.45 19.12
CA GLY A 185 -5.50 -19.03 18.54
C GLY A 185 -5.59 -18.84 17.05
N SER A 186 -4.88 -17.86 16.50
CA SER A 186 -4.83 -17.65 15.07
C SER A 186 -3.98 -18.73 14.40
N ASP A 187 -4.31 -19.01 13.14
CA ASP A 187 -3.50 -19.97 12.38
C ASP A 187 -2.11 -19.41 12.09
N ASN A 188 -2.04 -18.14 11.70
CA ASN A 188 -0.75 -17.48 11.49
C ASN A 188 -0.22 -16.92 12.80
N GLU A 189 1.09 -16.69 12.83
CA GLU A 189 1.77 -16.12 13.99
C GLU A 189 2.78 -15.10 13.47
N TYR A 190 2.47 -13.82 13.62
CA TYR A 190 3.36 -12.79 13.09
C TYR A 190 2.97 -11.41 13.60
N TYR A 191 3.89 -10.47 13.44
CA TYR A 191 3.66 -9.05 13.64
C TYR A 191 4.06 -8.32 12.36
N LYS A 192 3.54 -7.10 12.20
CA LYS A 192 3.81 -6.31 11.00
C LYS A 192 3.68 -4.83 11.32
N VAL A 193 4.70 -4.06 10.95
CA VAL A 193 4.76 -2.64 11.27
C VAL A 193 5.00 -1.84 9.99
N THR A 194 4.36 -0.68 9.90
CA THR A 194 4.48 0.20 8.74
C THR A 194 4.63 1.63 9.21
N LEU A 195 5.53 2.37 8.56
CA LEU A 195 5.79 3.77 8.92
C LEU A 195 5.86 4.60 7.65
N ASP A 196 5.08 5.67 7.59
CA ASP A 196 5.09 6.61 6.48
C ASP A 196 5.30 8.02 7.01
N THR A 197 6.21 8.76 6.40
CA THR A 197 6.49 10.14 6.80
C THR A 197 6.52 11.04 5.57
N ALA A 198 6.06 12.27 5.75
CA ALA A 198 6.18 13.31 4.73
C ALA A 198 6.47 14.62 5.42
N THR A 199 7.51 15.33 4.97
CA THR A 199 7.93 16.58 5.57
C THR A 199 8.06 17.64 4.48
N TYR A 200 7.32 18.74 4.63
CA TYR A 200 7.36 19.85 3.69
C TYR A 200 8.10 21.02 4.32
N VAL A 201 9.17 21.48 3.68
CA VAL A 201 9.96 22.60 4.17
C VAL A 201 9.91 23.73 3.15
N PRO A 202 9.21 24.83 3.42
CA PRO A 202 9.23 25.96 2.48
C PRO A 202 10.55 26.71 2.58
N ILE A 203 11.16 26.96 1.43
CA ILE A 203 12.41 27.70 1.37
C ILE A 203 12.22 29.10 0.83
N ASP A 204 10.96 29.56 0.71
CA ASP A 204 10.68 30.92 0.29
C ASP A 204 9.47 31.43 1.05
N ASP A 205 9.30 32.76 1.05
CA ASP A 205 8.25 33.37 1.84
C ASP A 205 6.86 33.14 1.24
N ASP A 206 6.77 33.07 -0.08
CA ASP A 206 5.49 32.80 -0.74
C ASP A 206 5.14 31.32 -0.74
N HIS A 207 6.04 30.45 -0.29
CA HIS A 207 5.80 29.01 -0.18
C HIS A 207 5.54 28.37 -1.55
N LYS A 208 6.10 28.95 -2.62
CA LYS A 208 6.07 28.28 -3.92
C LYS A 208 7.21 27.29 -4.10
N TRP A 209 8.30 27.46 -3.34
CA TRP A 209 9.47 26.60 -3.44
C TRP A 209 9.57 25.80 -2.15
N VAL A 210 9.35 24.50 -2.24
CA VAL A 210 9.25 23.63 -1.07
C VAL A 210 10.14 22.41 -1.28
N VAL A 211 10.77 21.96 -0.20
CA VAL A 211 11.49 20.70 -0.18
C VAL A 211 10.60 19.67 0.48
N LEU A 212 10.44 18.51 -0.16
CA LEU A 212 9.62 17.42 0.37
C LEU A 212 10.51 16.21 0.60
N GLY A 213 10.46 15.68 1.82
CA GLY A 213 11.14 14.43 2.13
C GLY A 213 10.18 13.34 2.55
N ARG A 214 10.05 12.30 1.73
CA ARG A 214 9.25 11.14 2.07
C ARG A 214 10.13 10.02 2.61
N THR A 215 9.59 9.26 3.55
CA THR A 215 10.15 7.96 3.90
C THR A 215 9.00 6.99 4.10
N ARG A 216 9.27 5.73 3.79
CA ARG A 216 8.29 4.65 3.98
C ARG A 216 9.06 3.41 4.40
N TRP A 217 8.60 2.79 5.49
CA TRP A 217 9.30 1.66 6.08
C TRP A 217 8.31 0.56 6.39
N GLY A 218 8.77 -0.68 6.25
CA GLY A 218 7.95 -1.83 6.61
C GLY A 218 8.81 -2.97 7.13
N TYR A 219 8.41 -3.56 8.25
CA TYR A 219 9.07 -4.75 8.78
C TYR A 219 8.05 -5.67 9.41
N GLY A 220 8.12 -6.94 9.07
CA GLY A 220 7.29 -7.95 9.71
C GLY A 220 8.02 -9.28 9.69
N ASP A 221 7.71 -10.11 10.67
CA ASP A 221 8.35 -11.42 10.77
C ASP A 221 7.43 -12.33 11.57
N GLY A 222 7.70 -13.63 11.47
CA GLY A 222 6.88 -14.59 12.17
C GLY A 222 7.26 -14.73 13.63
N LEU A 223 6.35 -15.35 14.38
CA LEU A 223 6.58 -15.77 15.75
C LEU A 223 6.34 -17.26 15.83
N GLY A 224 7.05 -17.92 16.74
CA GLY A 224 6.86 -19.33 16.97
C GLY A 224 7.33 -20.23 15.84
N GLY A 225 8.31 -19.77 15.05
CA GLY A 225 8.86 -20.57 13.97
C GLY A 225 8.11 -20.45 12.66
N LYS A 226 6.92 -19.87 12.65
CA LYS A 226 6.23 -19.57 11.41
C LYS A 226 6.84 -18.33 10.76
N GLU A 227 6.48 -18.09 9.51
CA GLU A 227 6.85 -16.87 8.82
C GLU A 227 5.62 -15.98 8.64
N MET A 228 5.88 -14.74 8.26
CA MET A 228 4.79 -13.84 7.90
C MET A 228 4.20 -14.30 6.57
N PRO A 229 2.87 -14.36 6.44
CA PRO A 229 2.30 -14.76 5.15
C PRO A 229 2.78 -13.86 4.03
N PHE A 230 3.15 -14.49 2.91
CA PHE A 230 3.65 -13.74 1.76
C PHE A 230 2.62 -12.72 1.27
N TYR A 231 1.34 -13.00 1.44
CA TYR A 231 0.31 -12.06 1.01
C TYR A 231 0.22 -10.85 1.95
N GLU A 232 1.08 -10.78 2.96
CA GLU A 232 1.25 -9.58 3.77
C GLU A 232 2.55 -8.85 3.44
N ASN A 233 3.21 -9.22 2.35
CA ASN A 233 4.53 -8.69 2.03
C ASN A 233 4.48 -7.19 1.74
N PHE A 234 5.64 -6.56 1.83
CA PHE A 234 5.83 -5.19 1.39
C PHE A 234 6.37 -5.17 -0.03
N TYR A 235 6.16 -4.05 -0.72
CA TYR A 235 6.60 -3.90 -2.09
C TYR A 235 7.17 -2.50 -2.28
N ALA A 236 7.79 -2.28 -3.44
CA ALA A 236 8.38 -0.98 -3.75
C ALA A 236 8.56 -0.87 -5.25
N GLY A 237 8.48 0.36 -5.75
CA GLY A 237 8.51 0.63 -7.17
C GLY A 237 7.12 0.98 -7.66
N GLY A 238 7.04 2.00 -8.50
CA GLY A 238 5.79 2.47 -9.05
C GLY A 238 5.57 3.94 -8.80
N SER A 239 4.37 4.40 -9.19
CA SER A 239 4.06 5.82 -9.16
C SER A 239 4.17 6.43 -7.77
N SER A 240 3.98 5.61 -6.73
CA SER A 240 3.82 6.14 -5.37
C SER A 240 4.96 5.75 -4.44
N THR A 241 6.04 5.16 -4.95
CA THR A 241 7.15 4.77 -4.10
C THR A 241 8.49 5.14 -4.74
N VAL A 242 8.90 4.39 -5.76
CA VAL A 242 10.11 4.67 -6.51
C VAL A 242 9.70 4.81 -7.97
N ARG A 243 9.53 6.06 -8.41
CA ARG A 243 9.08 6.32 -9.77
C ARG A 243 10.18 5.95 -10.77
N GLY A 244 9.74 5.62 -11.98
CA GLY A 244 10.62 5.07 -12.99
C GLY A 244 10.78 3.56 -12.93
N PHE A 245 10.31 2.92 -11.86
CA PHE A 245 10.31 1.48 -11.73
C PHE A 245 8.89 0.96 -11.90
N GLN A 246 8.76 -0.16 -12.61
CA GLN A 246 7.48 -0.82 -12.73
C GLN A 246 6.94 -1.14 -11.33
N SER A 247 5.62 -1.06 -11.20
CA SER A 247 4.99 -1.28 -9.90
C SER A 247 5.43 -2.61 -9.29
N ASN A 248 5.92 -2.53 -8.05
CA ASN A 248 6.25 -3.69 -7.21
C ASN A 248 7.47 -4.47 -7.68
N THR A 249 8.24 -3.94 -8.62
CA THR A 249 9.33 -4.72 -9.19
C THR A 249 10.54 -4.83 -8.27
N ILE A 250 10.66 -3.95 -7.30
CA ILE A 250 11.88 -3.89 -6.49
C ILE A 250 11.88 -5.00 -5.46
N GLY A 251 13.03 -5.65 -5.29
CA GLY A 251 13.19 -6.68 -4.30
C GLY A 251 13.34 -8.06 -4.90
N PRO A 252 13.09 -9.09 -4.10
CA PRO A 252 13.28 -10.47 -4.57
C PRO A 252 12.44 -10.80 -5.79
N LYS A 253 12.88 -11.81 -6.52
CA LYS A 253 12.14 -12.38 -7.64
C LYS A 253 11.83 -13.84 -7.35
N ALA A 254 10.77 -14.34 -7.97
CA ALA A 254 10.38 -15.73 -7.77
C ALA A 254 11.43 -16.68 -8.34
N VAL A 255 11.75 -17.70 -7.57
CA VAL A 255 12.58 -18.82 -8.02
C VAL A 255 11.64 -20.00 -8.19
N TYR A 256 11.25 -20.28 -9.43
CA TYR A 256 10.15 -21.20 -9.70
C TYR A 256 10.61 -22.66 -9.64
N PHE A 257 9.69 -23.52 -9.18
CA PHE A 257 9.87 -24.97 -9.24
C PHE A 257 9.41 -25.48 -10.61
N PRO A 258 9.98 -26.57 -11.10
CA PRO A 258 9.65 -27.03 -12.46
C PRO A 258 8.23 -27.57 -12.56
N HIS A 259 7.71 -27.54 -13.79
CA HIS A 259 6.31 -27.76 -14.09
C HIS A 259 6.09 -29.13 -14.72
N GLN A 260 4.83 -29.57 -14.73
CA GLN A 260 4.44 -30.79 -15.42
C GLN A 260 3.17 -30.53 -16.24
N ASP A 280 16.52 -27.83 -12.97
CA ASP A 280 15.71 -27.92 -11.76
C ASP A 280 14.90 -26.64 -11.57
N LEU A 281 15.51 -25.62 -10.95
CA LEU A 281 14.81 -24.38 -10.65
C LEU A 281 15.04 -23.36 -11.77
N SER A 282 14.23 -22.30 -11.73
CA SER A 282 14.26 -21.25 -12.75
C SER A 282 14.25 -19.89 -12.09
N LYS A 283 15.29 -19.09 -12.35
CA LYS A 283 15.27 -17.69 -11.96
C LYS A 283 14.29 -16.92 -12.85
N SER A 284 13.64 -15.93 -12.26
CA SER A 284 12.63 -15.16 -12.96
C SER A 284 12.86 -13.67 -12.73
N ASP A 285 12.07 -12.86 -13.41
CA ASP A 285 12.01 -11.42 -13.18
C ASP A 285 10.66 -11.01 -12.60
N ASP A 286 9.99 -11.93 -11.92
CA ASP A 286 8.67 -11.69 -11.34
C ASP A 286 8.84 -11.37 -9.87
N ALA A 287 8.52 -10.13 -9.50
CA ALA A 287 8.67 -9.70 -8.12
C ALA A 287 7.69 -10.45 -7.21
N VAL A 288 8.12 -10.65 -5.96
CA VAL A 288 7.30 -11.29 -4.95
C VAL A 288 7.21 -10.48 -3.67
N GLY A 289 7.82 -9.29 -3.63
CA GLY A 289 7.87 -8.52 -2.41
C GLY A 289 8.77 -9.16 -1.37
N GLY A 290 8.67 -8.64 -0.15
CA GLY A 290 9.44 -9.16 0.96
C GLY A 290 8.86 -8.66 2.26
N ASN A 291 9.41 -9.21 3.35
CA ASN A 291 8.93 -8.88 4.69
C ASN A 291 9.66 -7.68 5.29
N ALA A 292 10.55 -7.04 4.55
CA ALA A 292 11.20 -5.81 5.00
C ALA A 292 11.34 -4.86 3.82
N MET A 293 11.17 -3.57 4.08
CA MET A 293 11.13 -2.58 3.01
C MET A 293 11.58 -1.23 3.53
N ALA A 294 12.27 -0.48 2.67
CA ALA A 294 12.70 0.89 2.99
C ALA A 294 12.62 1.72 1.73
N VAL A 295 11.98 2.88 1.83
CA VAL A 295 11.82 3.80 0.70
C VAL A 295 12.02 5.22 1.20
N ALA A 296 12.67 6.04 0.37
CA ALA A 296 12.92 7.43 0.72
C ALA A 296 12.93 8.25 -0.56
N SER A 297 12.47 9.50 -0.44
CA SER A 297 12.40 10.39 -1.60
C SER A 297 12.75 11.80 -1.18
N LEU A 298 13.59 12.46 -1.97
CA LEU A 298 13.90 13.87 -1.81
C LEU A 298 13.36 14.59 -3.04
N GLU A 299 12.36 15.43 -2.85
CA GLU A 299 11.62 16.04 -3.94
C GLU A 299 11.63 17.56 -3.77
N PHE A 300 11.90 18.27 -4.86
CA PHE A 300 12.08 19.71 -4.86
C PHE A 300 10.93 20.35 -5.62
N ILE A 301 10.02 21.00 -4.89
CA ILE A 301 8.80 21.56 -5.46
C ILE A 301 9.09 22.99 -5.92
N THR A 302 8.71 23.29 -7.15
CA THR A 302 8.97 24.59 -7.77
C THR A 302 7.69 25.11 -8.41
N PRO A 303 7.68 26.38 -8.81
CA PRO A 303 6.61 26.85 -9.70
C PRO A 303 6.64 26.06 -11.00
N THR A 304 5.51 26.05 -11.70
CA THR A 304 5.37 25.24 -12.90
C THR A 304 5.80 26.05 -14.11
N PRO A 305 6.83 25.64 -14.85
CA PRO A 305 7.20 26.36 -16.06
C PRO A 305 6.21 26.08 -17.17
N PHE A 306 6.09 27.06 -18.07
CA PHE A 306 5.25 26.95 -19.26
C PHE A 306 3.76 26.99 -18.93
N ILE A 307 3.40 27.49 -17.75
CA ILE A 307 2.00 27.62 -17.34
C ILE A 307 1.83 28.96 -16.64
N SER A 308 0.71 29.62 -16.89
CA SER A 308 0.45 30.92 -16.32
C SER A 308 0.34 30.84 -14.79
N ASP A 309 0.48 32.01 -14.15
CA ASP A 309 0.24 32.12 -12.72
C ASP A 309 -1.23 32.01 -12.36
N LYS A 310 -2.13 32.27 -13.31
CA LYS A 310 -3.56 32.06 -13.04
C LYS A 310 -3.80 30.66 -12.51
N TYR A 311 -3.06 29.68 -13.03
CA TYR A 311 -3.29 28.27 -12.75
C TYR A 311 -2.26 27.71 -11.79
N ALA A 312 -1.80 28.52 -10.84
CA ALA A 312 -0.75 28.09 -9.92
C ALA A 312 -1.32 27.30 -8.75
N ASN A 313 -2.43 27.76 -8.17
CA ASN A 313 -3.03 27.05 -7.05
C ASN A 313 -3.59 25.69 -7.45
N SER A 314 -3.57 25.34 -8.74
CA SER A 314 -4.12 24.09 -9.21
C SER A 314 -3.07 23.17 -9.86
N VAL A 315 -1.79 23.55 -9.84
CA VAL A 315 -0.74 22.75 -10.47
C VAL A 315 0.49 22.74 -9.56
N ARG A 316 1.27 21.68 -9.66
CA ARG A 316 2.49 21.54 -8.87
C ARG A 316 3.53 20.75 -9.67
N THR A 317 4.67 21.38 -9.91
CA THR A 317 5.82 20.74 -10.54
C THR A 317 6.82 20.36 -9.47
N SER A 318 7.62 19.33 -9.74
CA SER A 318 8.63 18.93 -8.78
C SER A 318 9.69 18.07 -9.43
N PHE A 319 10.90 18.10 -8.86
CA PHE A 319 12.05 17.32 -9.31
C PHE A 319 12.50 16.47 -8.14
N PHE A 320 12.66 15.17 -8.38
CA PHE A 320 12.76 14.22 -7.28
C PHE A 320 13.92 13.25 -7.45
N TRP A 321 14.30 12.67 -6.32
CA TRP A 321 15.30 11.60 -6.24
C TRP A 321 14.69 10.53 -5.33
N ASP A 322 14.38 9.37 -5.91
CA ASP A 322 13.72 8.29 -5.20
C ASP A 322 14.69 7.14 -4.97
N MET A 323 14.50 6.42 -3.87
CA MET A 323 15.29 5.23 -3.57
C MET A 323 14.47 4.28 -2.72
N GLY A 324 14.81 3.00 -2.78
CA GLY A 324 14.10 2.02 -1.99
C GLY A 324 14.73 0.64 -2.14
N THR A 325 14.46 -0.20 -1.15
CA THR A 325 14.88 -1.58 -1.18
C THR A 325 13.84 -2.44 -0.49
N VAL A 326 13.74 -3.70 -0.93
CA VAL A 326 12.86 -4.69 -0.35
C VAL A 326 13.66 -5.99 -0.27
N TRP A 327 13.58 -6.69 0.86
CA TRP A 327 14.35 -7.91 1.01
C TRP A 327 13.59 -8.93 1.86
N ASP A 328 14.07 -10.17 1.80
CA ASP A 328 13.46 -11.32 2.46
C ASP A 328 14.42 -11.79 3.55
N THR A 329 14.08 -11.49 4.81
CA THR A 329 14.98 -11.82 5.91
C THR A 329 15.15 -13.32 6.09
N ASN A 330 14.21 -14.14 5.61
CA ASN A 330 14.29 -15.57 5.77
C ASN A 330 14.82 -16.28 4.53
N TRP A 331 15.28 -15.54 3.53
CA TRP A 331 15.90 -16.18 2.37
C TRP A 331 17.17 -16.91 2.81
N ASP A 332 17.26 -18.17 2.43
CA ASP A 332 18.37 -19.05 2.82
C ASP A 332 19.33 -19.13 1.65
N SER A 333 20.31 -18.23 1.62
CA SER A 333 21.29 -18.21 0.53
C SER A 333 22.25 -19.40 0.59
N SER A 334 22.26 -20.14 1.70
CA SER A 334 23.01 -21.39 1.74
C SER A 334 22.38 -22.42 0.81
N GLN A 335 21.10 -22.73 1.05
CA GLN A 335 20.40 -23.74 0.26
C GLN A 335 20.26 -23.35 -1.21
N TYR A 336 20.37 -22.06 -1.52
CA TYR A 336 20.15 -21.55 -2.87
C TYR A 336 21.27 -20.61 -3.28
N SER A 337 22.51 -21.07 -3.14
CA SER A 337 23.66 -20.22 -3.42
C SER A 337 23.80 -19.88 -4.89
N GLY A 338 23.19 -20.66 -5.79
CA GLY A 338 23.26 -20.38 -7.21
C GLY A 338 22.48 -19.16 -7.65
N TYR A 339 21.78 -18.50 -6.75
CA TYR A 339 20.89 -17.39 -7.07
C TYR A 339 21.21 -16.20 -6.19
N PRO A 340 20.73 -15.02 -6.55
CA PRO A 340 21.09 -13.81 -5.77
C PRO A 340 20.58 -13.91 -4.34
N ASP A 341 21.37 -13.34 -3.41
CA ASP A 341 21.01 -13.35 -2.01
C ASP A 341 19.86 -12.37 -1.76
N TYR A 342 18.63 -12.87 -1.79
CA TYR A 342 17.45 -12.02 -1.63
C TYR A 342 17.24 -11.56 -0.20
N SER A 343 18.06 -11.99 0.75
CA SER A 343 18.04 -11.46 2.10
C SER A 343 18.92 -10.23 2.26
N ASP A 344 19.59 -9.80 1.19
CA ASP A 344 20.54 -8.71 1.26
C ASP A 344 19.82 -7.38 1.13
N PRO A 345 19.89 -6.50 2.13
CA PRO A 345 19.10 -5.25 2.08
C PRO A 345 19.78 -4.12 1.33
N SER A 346 21.01 -4.27 0.89
CA SER A 346 21.81 -3.14 0.45
C SER A 346 21.74 -2.86 -1.05
N ASN A 347 20.98 -3.67 -1.80
CA ASN A 347 20.81 -3.43 -3.24
C ASN A 347 19.74 -2.35 -3.41
N ILE A 348 20.17 -1.10 -3.25
CA ILE A 348 19.26 0.03 -3.16
C ILE A 348 19.03 0.63 -4.53
N ARG A 349 17.78 0.55 -5.01
CA ARG A 349 17.41 1.14 -6.28
C ARG A 349 17.33 2.65 -6.16
N MET A 350 17.56 3.34 -7.28
CA MET A 350 17.47 4.79 -7.30
C MET A 350 16.96 5.28 -8.65
N SER A 351 16.25 6.40 -8.61
CA SER A 351 15.76 7.05 -9.82
C SER A 351 15.76 8.55 -9.59
N ALA A 352 15.73 9.29 -10.70
CA ALA A 352 15.53 10.73 -10.65
C ALA A 352 14.64 11.12 -11.82
N GLY A 353 13.83 12.15 -11.61
CA GLY A 353 12.92 12.56 -12.65
C GLY A 353 12.14 13.79 -12.25
N ILE A 354 11.10 14.07 -13.04
CA ILE A 354 10.26 15.25 -12.88
C ILE A 354 8.81 14.80 -12.84
N ALA A 355 7.99 15.54 -12.10
CA ALA A 355 6.60 15.19 -11.90
C ALA A 355 5.72 16.42 -12.07
N LEU A 356 4.46 16.17 -12.42
CA LEU A 356 3.49 17.25 -12.63
C LEU A 356 2.14 16.79 -12.07
N GLN A 357 1.61 17.56 -11.12
CA GLN A 357 0.29 17.32 -10.57
C GLN A 357 -0.64 18.45 -11.01
N TRP A 358 -1.89 18.08 -11.31
CA TRP A 358 -2.85 19.06 -11.83
C TRP A 358 -4.23 18.70 -11.33
N MET A 359 -4.86 19.64 -10.62
CA MET A 359 -6.26 19.50 -10.25
C MET A 359 -7.11 19.74 -11.51
N SER A 360 -7.31 18.69 -12.28
CA SER A 360 -7.90 18.80 -13.61
C SER A 360 -9.42 18.77 -13.52
N PRO A 361 -10.11 19.02 -14.64
CA PRO A 361 -11.55 18.74 -14.66
C PRO A 361 -11.85 17.29 -14.33
N LEU A 362 -11.01 16.38 -14.81
CA LEU A 362 -11.14 14.96 -14.55
C LEU A 362 -10.64 14.55 -13.17
N GLY A 363 -10.35 15.52 -12.30
CA GLY A 363 -9.94 15.21 -10.95
C GLY A 363 -8.43 15.27 -10.77
N PRO A 364 -7.96 14.88 -9.59
CA PRO A 364 -6.52 14.88 -9.32
C PRO A 364 -5.76 14.05 -10.34
N LEU A 365 -4.67 14.62 -10.86
CA LEU A 365 -3.93 14.04 -11.97
C LEU A 365 -2.44 14.12 -11.67
N VAL A 366 -1.68 13.12 -12.10
CA VAL A 366 -0.23 13.12 -11.88
C VAL A 366 0.50 12.47 -13.05
N PHE A 367 1.32 13.26 -13.75
CA PHE A 367 2.30 12.73 -14.68
C PHE A 367 3.65 12.59 -13.96
N SER A 368 4.48 11.67 -14.45
CA SER A 368 5.84 11.59 -13.95
C SER A 368 6.72 10.88 -14.98
N TYR A 369 7.90 11.44 -15.21
CA TYR A 369 8.92 10.82 -16.04
C TYR A 369 10.19 10.66 -15.19
N ALA A 370 10.73 9.45 -15.15
CA ALA A 370 11.85 9.15 -14.29
C ALA A 370 12.73 8.10 -14.94
N GLN A 371 14.04 8.22 -14.77
CA GLN A 371 14.97 7.22 -15.26
C GLN A 371 15.53 6.44 -14.08
N PRO A 372 15.35 5.12 -14.02
CA PRO A 372 15.99 4.33 -12.96
C PRO A 372 17.49 4.19 -13.19
N PHE A 373 18.30 5.08 -12.61
CA PHE A 373 19.72 5.06 -12.93
C PHE A 373 20.50 4.03 -12.13
N LYS A 374 19.92 3.50 -11.05
CA LYS A 374 20.51 2.36 -10.34
C LYS A 374 19.45 1.28 -10.23
N LYS A 375 19.59 0.23 -11.03
CA LYS A 375 18.68 -0.91 -11.05
C LYS A 375 19.49 -2.20 -10.95
N TYR A 376 18.80 -3.33 -10.85
CA TYR A 376 19.44 -4.62 -10.63
C TYR A 376 18.77 -5.69 -11.46
N ASP A 377 19.32 -6.91 -11.36
CA ASP A 377 18.81 -8.08 -12.05
C ASP A 377 17.30 -8.22 -11.86
N GLY A 378 16.57 -8.25 -12.97
CA GLY A 378 15.14 -8.49 -12.96
C GLY A 378 14.28 -7.25 -12.82
N ASP A 379 14.85 -6.14 -12.35
CA ASP A 379 14.06 -4.93 -12.17
C ASP A 379 13.52 -4.42 -13.51
N LYS A 380 12.20 -4.32 -13.60
CA LYS A 380 11.55 -3.80 -14.80
C LYS A 380 11.32 -2.29 -14.66
N ALA A 381 11.53 -1.57 -15.75
CA ALA A 381 11.48 -0.12 -15.75
C ALA A 381 10.13 0.38 -16.28
N GLU A 382 9.83 1.63 -15.92
CA GLU A 382 8.61 2.28 -16.42
C GLU A 382 8.82 3.79 -16.29
N GLN A 383 9.46 4.37 -17.31
CA GLN A 383 9.80 5.80 -17.28
C GLN A 383 8.57 6.66 -17.06
N PHE A 384 7.57 6.52 -17.92
CA PHE A 384 6.37 7.35 -17.87
C PHE A 384 5.32 6.67 -16.99
N GLN A 385 4.83 7.39 -15.99
CA GLN A 385 3.79 6.89 -15.10
C GLN A 385 2.73 7.98 -14.94
N PHE A 386 1.48 7.52 -14.80
CA PHE A 386 0.33 8.41 -14.90
C PHE A 386 -0.77 7.92 -13.96
N ASN A 387 -1.44 8.86 -13.30
CA ASN A 387 -2.49 8.52 -12.36
C ASN A 387 -3.56 9.61 -12.34
N ILE A 388 -4.81 9.20 -12.53
CA ILE A 388 -5.96 10.05 -12.26
C ILE A 388 -6.66 9.49 -11.02
N GLY A 389 -6.85 10.32 -10.01
CA GLY A 389 -7.46 9.87 -8.78
C GLY A 389 -8.97 9.84 -8.85
N LYS A 390 -9.56 8.87 -8.15
CA LYS A 390 -11.00 8.65 -8.18
C LYS A 390 -11.70 9.02 -6.88
N THR A 391 -10.97 9.40 -5.83
CA THR A 391 -11.58 9.64 -4.53
C THR A 391 -11.81 11.12 -4.22
N TRP A 392 -11.23 12.03 -5.01
CA TRP A 392 -11.50 13.45 -4.83
C TRP A 392 -12.06 14.05 -6.12
N TRP B 1 -11.50 11.19 -11.20
CA TRP B 1 -12.57 12.10 -10.86
C TRP B 1 -13.51 11.45 -9.83
N ASN B 2 -14.18 12.28 -8.82
CA ASN B 2 -15.08 11.66 -7.87
C ASN B 2 -16.37 12.47 -7.83
C UX8 B 3 -19.39 12.44 -6.81
CA UX8 B 3 -18.80 12.71 -8.23
CG UX8 B 3 -20.91 13.42 -9.00
CE2 UX8 B 3 -22.64 14.35 -7.99
CB UX8 B 3 -19.81 12.43 -9.40
CD1 UX8 B 3 -21.05 14.75 -9.42
CD2 UX8 B 3 -21.93 13.19 -8.09
CE3 UX8 B 3 -22.27 12.06 -7.33
CZ3 UX8 B 3 -23.36 12.10 -6.51
CH2 UX8 B 3 -24.11 13.28 -6.43
CZ2 UX8 B 3 -23.75 14.41 -7.15
N UX8 B 3 -17.61 11.90 -8.29
NE1 UX8 B 3 -22.10 15.27 -8.81
O UX8 B 3 -19.43 11.34 -6.40
O9 UX8 B 3 -19.32 12.73 -10.66
HA UX8 B 3 -18.59 13.64 -8.37
HB2 UX8 B 3 -20.05 11.49 -9.46
HD1 UX8 B 3 -20.50 15.18 -10.03
HE3 UX8 B 3 -21.76 11.28 -7.40
HZ3 UX8 B 3 -23.60 11.35 -6.01
HZ2 UX8 B 3 -24.24 15.20 -7.06
H UX8 B 3 -17.64 11.10 -8.59
HE1 UX8 B 3 -22.43 16.20 -8.94
N THR B 4 -19.93 13.54 -5.96
CA THR B 4 -20.55 13.30 -4.61
C THR B 4 -21.90 14.04 -4.61
N LYS B 5 -23.15 13.37 -4.18
CA LYS B 5 -24.50 13.97 -4.23
C LYS B 5 -25.20 13.71 -2.90
N ARG B 6 -25.30 14.82 -1.91
CA ARG B 6 -25.97 14.60 -0.62
C ARG B 6 -27.44 14.29 -0.84
N PHE B 7 -27.93 12.93 -0.59
CA PHE B 7 -29.34 12.63 -0.79
C PHE B 7 -30.10 12.98 0.48
C1 C8E C . 4.95 31.94 -14.44
C2 C8E C . 6.43 31.92 -14.08
C3 C8E C . 6.97 30.50 -14.07
C4 C8E C . 8.28 30.36 -13.33
C5 C8E C . 8.92 29.02 -13.67
C6 C8E C . 10.05 28.66 -12.72
C7 C8E C . 10.56 27.24 -12.99
C8 C8E C . 11.65 26.88 -11.99
O9 C8E C . 12.14 25.57 -12.21
C10 C8E C . 13.43 25.42 -11.63
C11 C8E C . 13.83 23.95 -11.71
O12 C8E C . 15.10 23.71 -11.13
C13 C8E C . 15.12 22.52 -10.37
C14 C8E C . 16.55 21.99 -10.31
O15 C8E C . 16.66 20.87 -11.16
H11 C8E C . 4.59 30.92 -14.52
H12 C8E C . 4.39 32.46 -13.65
H13 C8E C . 4.81 32.45 -15.38
H21 C8E C . 6.99 32.52 -14.80
H22 C8E C . 6.57 32.38 -13.09
H31 C8E C . 6.22 29.84 -13.60
H32 C8E C . 7.11 30.17 -15.10
H41 C8E C . 8.96 31.17 -13.60
H42 C8E C . 8.11 30.42 -12.25
H51 C8E C . 8.16 28.25 -13.65
H52 C8E C . 9.32 29.07 -14.69
H61 C8E C . 10.86 29.36 -12.83
H62 C8E C . 9.69 28.72 -11.69
H71 C8E C . 9.74 26.52 -12.91
H72 C8E C . 10.95 27.18 -14.00
H81 C8E C . 12.47 27.59 -12.08
H82 C8E C . 11.26 26.96 -10.98
H101 C8E C . 14.16 26.03 -12.17
H102 C8E C . 13.41 25.74 -10.60
H111 C8E C . 13.09 23.34 -11.19
H112 C8E C . 13.85 23.63 -12.76
H131 C8E C . 14.74 22.71 -9.36
H132 C8E C . 14.47 21.78 -10.83
H141 C8E C . 17.25 22.76 -10.61
H142 C8E C . 16.78 21.70 -9.28
C1 C8E D . 11.39 35.81 -5.03
C2 C8E D . 12.08 34.76 -5.89
C3 C8E D . 12.02 33.36 -5.28
C4 C8E D . 13.41 32.73 -5.09
C5 C8E D . 13.61 31.42 -5.85
C6 C8E D . 13.94 30.28 -4.89
C7 C8E D . 14.92 29.27 -5.51
C8 C8E D . 15.25 28.20 -4.47
O9 C8E D . 15.56 26.97 -5.10
C10 C8E D . 16.92 26.81 -5.46
C11 C8E D . 17.43 25.51 -4.83
H11 C8E D . 11.27 35.44 -4.02
H12 C8E D . 11.99 36.72 -5.02
H13 C8E D . 10.41 36.04 -5.46
H21 C8E D . 11.61 34.73 -6.88
H22 C8E D . 13.13 35.05 -6.02
H31 C8E D . 11.52 33.42 -4.30
H32 C8E D . 11.43 32.72 -5.92
H41 C8E D . 14.16 33.46 -5.42
H42 C8E D . 13.56 32.55 -4.02
H51 C8E D . 12.70 31.18 -6.40
H52 C8E D . 14.42 31.54 -6.57
H61 C8E D . 14.38 30.68 -3.98
H62 C8E D . 13.02 29.76 -4.63
H71 C8E D . 14.49 28.82 -6.39
H72 C8E D . 15.84 29.79 -5.81
H81 C8E D . 16.09 28.52 -3.88
H82 C8E D . 14.39 28.06 -3.82
H101 C8E D . 17.01 26.76 -6.54
H102 C8E D . 17.50 27.66 -5.11
H111 C8E D . 17.10 24.65 -5.41
H112 C8E D . 18.52 25.52 -4.80
C1 C8E E . -15.90 -11.30 15.47
C2 C8E E . -16.34 -12.44 14.55
C3 C8E E . -15.25 -13.50 14.44
C4 C8E E . -15.70 -14.66 13.55
C5 C8E E . -15.19 -16.00 14.05
C6 C8E E . -15.09 -17.00 12.90
C7 C8E E . -14.38 -18.29 13.30
C8 C8E E . -13.50 -18.80 12.16
O9 C8E E . -13.00 -20.08 12.47
C10 C8E E . -13.36 -21.05 11.53
C11 C8E E . -13.01 -22.45 12.06
O12 C8E E . -13.59 -23.44 11.23
C13 C8E E . -12.64 -24.42 10.86
H11 C8E E . -14.90 -11.50 15.84
H12 C8E E . -15.89 -10.37 14.90
H13 C8E E . -16.60 -11.21 16.29
H21 C8E E . -17.24 -12.90 14.96
H22 C8E E . -16.57 -12.05 13.56
H31 C8E E . -14.34 -13.05 14.04
H32 C8E E . -15.01 -13.89 15.44
H41 C8E E . -16.79 -14.67 13.50
H42 C8E E . -15.32 -14.48 12.54
H51 C8E E . -14.22 -15.88 14.53
H52 C8E E . -15.88 -16.39 14.80
H61 C8E E . -16.09 -17.23 12.54
H62 C8E E . -14.53 -16.54 12.08
H71 C8E E . -13.78 -18.11 14.18
H72 C8E E . -15.13 -19.05 13.55
H81 C8E E . -14.09 -18.85 11.24
H82 C8E E . -12.68 -18.10 12.00
H101 C8E E . -14.43 -21.00 11.32
H102 C8E E . -12.84 -20.87 10.58
H111 C8E E . -11.93 -22.57 12.07
H112 C8E E . -13.38 -22.56 13.07
C1 C8E F . -13.01 -8.47 15.60
C2 C8E F . -13.17 -9.16 16.96
C3 C8E F . -12.04 -10.15 17.21
C4 C8E F . -12.24 -10.88 18.54
C5 C8E F . -10.91 -11.32 19.14
C6 C8E F . -11.10 -12.41 20.21
C7 C8E F . -9.85 -13.23 20.45
C8 C8E F . -9.59 -14.25 19.34
O9 C8E F . -9.74 -15.58 19.81
C10 C8E F . -9.60 -16.50 18.75
C11 C8E F . -10.06 -17.91 19.12
O12 C8E F . -9.74 -18.79 18.07
C13 C8E F . -10.02 -20.14 18.36
C14 C8E F . -9.15 -21.07 17.53
H11 C8E F . -12.09 -8.81 15.12
H12 C8E F . -13.86 -8.70 14.97
H13 C8E F . -12.95 -7.39 15.75
H21 C8E F . -13.19 -8.42 17.74
H22 C8E F . -14.13 -9.69 16.97
H31 C8E F . -11.99 -10.87 16.40
H32 C8E F . -11.09 -9.61 17.23
H41 C8E F . -12.75 -10.23 19.24
H42 C8E F . -12.86 -11.76 18.38
H51 C8E F . -10.25 -11.71 18.36
H52 C8E F . -10.41 -10.47 19.60
H61 C8E F . -11.42 -11.94 21.14
H62 C8E F . -11.91 -13.07 19.88
H71 C8E F . -8.99 -12.55 20.52
H72 C8E F . -9.94 -13.75 21.41
H81 C8E F . -10.29 -14.08 18.52
H82 C8E F . -8.58 -14.12 18.96
H101 C8E F . -10.19 -16.15 17.90
H102 C8E F . -8.55 -16.54 18.44
H111 C8E F . -9.56 -18.22 20.04
H112 C8E F . -11.13 -17.91 19.31
H131 C8E F . -9.84 -20.33 19.42
H132 C8E F . -11.07 -20.35 18.16
H141 C8E F . -8.25 -21.34 18.08
H142 C8E F . -8.85 -20.56 16.61
C1 C8E G . -4.52 -6.95 23.01
C2 C8E G . -4.08 -8.41 23.07
C3 C8E G . -2.94 -8.72 22.11
C4 C8E G . -2.05 -9.82 22.67
C5 C8E G . -0.77 -9.98 21.86
C6 C8E G . -0.42 -11.45 21.68
C7 C8E G . 1.08 -11.63 21.44
C8 C8E G . 1.40 -13.03 20.94
O9 C8E G . 2.77 -13.32 21.13
C10 C8E G . 3.08 -14.67 20.87
C11 C8E G . 4.45 -15.01 21.42
O12 C8E G . 4.81 -16.33 21.05
H11 C8E G . -3.99 -6.45 22.19
H12 C8E G . -5.59 -6.89 22.84
H13 C8E G . -4.27 -6.45 23.96
H21 C8E G . -3.77 -8.65 24.09
H22 C8E G . -4.93 -9.05 22.84
H31 C8E G . -3.35 -9.02 21.14
H32 C8E G . -2.35 -7.82 21.95
H41 C8E G . -1.80 -9.59 23.70
H42 C8E G . -2.60 -10.76 22.66
H51 C8E G . -0.90 -9.51 20.89
H52 C8E G . 0.05 -9.47 22.37
H61 C8E G . -0.71 -12.01 22.56
H62 C8E G . -0.97 -11.85 20.83
H71 C8E G . 1.42 -10.90 20.70
H72 C8E G . 1.62 -11.44 22.36
H81 C8E G . 0.80 -13.77 21.49
H82 C8E G . 1.16 -13.12 19.89
H101 C8E G . 2.33 -15.31 21.32
H102 C8E G . 3.06 -14.84 19.79
H111 C8E G . 5.20 -14.31 21.05
H112 C8E G . 4.44 -14.93 22.51
C1 C8E H . 0.03 -6.11 22.83
C2 C8E H . 1.38 -6.11 22.15
C3 C8E H . 2.11 -7.44 22.30
C4 C8E H . 3.59 -7.27 21.95
C5 C8E H . 4.23 -8.58 21.47
C6 C8E H . 5.22 -8.30 20.34
C7 C8E H . 6.40 -9.27 20.40
C8 C8E H . 7.39 -8.98 19.28
O9 C8E H . 8.25 -10.08 19.10
H11 C8E H . -0.15 -7.10 23.29
H12 C8E H . 0.01 -5.34 23.61
H13 C8E H . -0.75 -5.92 22.10
H21 C8E H . 1.25 -5.89 21.09
H22 C8E H . 1.99 -5.31 22.57
H31 C8E H . 2.02 -7.79 23.33
H32 C8E H . 1.66 -8.18 21.64
H41 C8E H . 3.67 -6.52 21.16
H42 C8E H . 4.12 -6.91 22.81
H51 C8E H . 4.75 -9.04 22.31
H52 C8E H . 3.46 -9.26 21.13
H61 C8E H . 4.72 -8.41 19.38
H62 C8E H . 5.58 -7.28 20.42
H71 C8E H . 6.90 -9.17 21.36
H72 C8E H . 6.04 -10.29 20.32
H81 C8E H . 6.85 -8.77 18.36
H82 C8E H . 7.98 -8.09 19.53
C1 C8E I . -20.72 -1.78 -4.05
C2 C8E I . -20.96 -0.46 -3.31
C3 C8E I . -22.42 -0.01 -3.32
C4 C8E I . -22.53 1.43 -3.82
C5 C8E I . -23.95 1.97 -3.78
C6 C8E I . -24.11 3.19 -4.68
C7 C8E I . -25.33 4.05 -4.31
C8 C8E I . -26.09 4.50 -5.56
O9 C8E I . -27.41 4.84 -5.21
C10 C8E I . -27.89 6.03 -5.79
C11 C8E I . -29.17 6.47 -5.10
O12 C8E I . -29.72 7.60 -5.74
C13 C8E I . -30.74 8.20 -4.96
H11 C8E I . -21.67 -2.20 -4.34
H12 C8E I . -20.11 -1.60 -4.93
H13 C8E I . -20.21 -2.48 -3.38
H21 C8E I . -20.62 -0.56 -2.28
H22 C8E I . -20.34 0.31 -3.79
H31 C8E I . -23.00 -0.67 -3.96
H32 C8E I . -22.82 -0.07 -2.32
H41 C8E I . -21.89 2.07 -3.20
H42 C8E I . -22.16 1.48 -4.84
H51 C8E I . -24.65 1.19 -4.11
H52 C8E I . -24.22 2.23 -2.76
H61 C8E I . -23.21 3.81 -4.59
H62 C8E I . -24.19 2.86 -5.71
H71 C8E I . -25.99 3.47 -3.68
H72 C8E I . -24.99 4.92 -3.76
H81 C8E I . -25.59 5.37 -6.00
H82 C8E I . -26.09 3.71 -6.31
H101 C8E I . -27.13 6.82 -5.69
H102 C8E I . -28.08 5.88 -6.85
H111 C8E I . -29.90 5.66 -5.12
H112 C8E I . -28.97 6.70 -4.05
H132 C8E I . -31.35 7.42 -4.48
H132 C8E I . -31.39 8.80 -5.58
#